data_9EQF
#
_entry.id   9EQF
#
_cell.length_a   81.145
_cell.length_b   67.107
_cell.length_c   62.945
_cell.angle_alpha   90.000
_cell.angle_beta   109.221
_cell.angle_gamma   90.000
#
_symmetry.space_group_name_H-M   'C 1 2 1'
#
loop_
_entity.id
_entity.type
_entity.pdbx_description
1 polymer 'Alpha-ketoglutarate-dependent L-arginine hydroxylase'
2 non-polymer 'FE (II) ION'
3 non-polymer 'SUCCINIC ACID'
4 non-polymer ARGININE
5 non-polymer 1,2-ETHANEDIOL
6 non-polymer DI(HYDROXYETHYL)ETHER
7 water water
#
_entity_poly.entity_id   1
_entity_poly.type   'polypeptide(L)'
_entity_poly.pdbx_seq_one_letter_code
;MGSSHHHHHHSSGLVPRGSHMASMTGGQQMGRGSEFMTESPTTHHGAAPPDSVATPVRPWSEFRLTPAEAAAAAALAARC
AQRYDETDGPEFLLDAPVIAHELPRRLRTFMARARLDAWPHALVVRGNPVDDAALGSTPVHWRTARTPGSRPLSFLLMLY
AGLLGDVFGWATQQDGRVVTDVLPIKGGEHTLVSSSSRQELGWHTEDAFSPYRADYVGLLSLRNPDGVATTLAGVPLDDL
DERTLDVLFQERFLIRPDDSHLQVNNSTAQQGRVEFEGIAQAADRPEPVAILTGHRAAPHLRVDGDFSAPAEGDEEAAAA
LGTLRKLIDASLYELVLDQGDVAFIDNRRAV(MHS)GRRAFQPRYDGRDRWLKRINITRDLHRSRKAWAGDSRVLGQR
;
_entity_poly.pdbx_strand_id   A
#
loop_
_chem_comp.id
_chem_comp.type
_chem_comp.name
_chem_comp.formula
EDO non-polymer 1,2-ETHANEDIOL 'C2 H6 O2'
FE2 non-polymer 'FE (II) ION' 'Fe 2'
PEG non-polymer DI(HYDROXYETHYL)ETHER 'C4 H10 O3'
SIN non-polymer 'SUCCINIC ACID' 'C4 H6 O4'
#
# COMPACT_ATOMS: atom_id res chain seq x y z
N ARG A 58 -14.82 13.94 -6.51
CA ARG A 58 -14.01 12.72 -6.55
C ARG A 58 -14.09 11.97 -5.22
N PRO A 59 -13.93 10.63 -5.26
CA PRO A 59 -14.02 9.85 -4.02
C PRO A 59 -12.79 9.95 -3.12
N TRP A 60 -11.76 10.67 -3.53
CA TRP A 60 -10.57 10.90 -2.71
C TRP A 60 -10.42 12.40 -2.50
N SER A 61 -9.58 12.77 -1.55
CA SER A 61 -9.27 14.17 -1.24
C SER A 61 -7.95 14.54 -1.90
N GLU A 62 -7.94 15.66 -2.63
CA GLU A 62 -6.81 16.04 -3.46
C GLU A 62 -6.22 17.38 -3.03
N PHE A 63 -4.89 17.48 -3.12
CA PHE A 63 -4.13 18.67 -2.80
C PHE A 63 -3.10 18.86 -3.90
N ARG A 64 -2.91 20.08 -4.37
CA ARG A 64 -1.89 20.36 -5.37
C ARG A 64 -0.90 21.39 -4.83
N LEU A 65 0.35 20.96 -4.69
CA LEU A 65 1.43 21.87 -4.30
C LEU A 65 1.61 22.98 -5.32
N THR A 66 1.81 24.20 -4.84
CA THR A 66 2.36 25.23 -5.72
C THR A 66 3.80 24.87 -6.05
N PRO A 67 4.33 25.41 -7.15
CA PRO A 67 5.74 25.11 -7.47
C PRO A 67 6.67 25.47 -6.33
N ALA A 68 6.41 26.58 -5.64
CA ALA A 68 7.26 26.98 -4.53
C ALA A 68 7.15 26.02 -3.35
N GLU A 69 5.92 25.61 -3.01
CA GLU A 69 5.73 24.61 -1.96
C GLU A 69 6.43 23.32 -2.31
N ALA A 70 6.31 22.88 -3.57
CA ALA A 70 6.94 21.64 -3.99
C ALA A 70 8.45 21.73 -3.92
N ALA A 71 9.01 22.87 -4.34
CA ALA A 71 10.44 23.08 -4.24
C ALA A 71 10.91 23.06 -2.79
N ALA A 72 10.13 23.64 -1.88
CA ALA A 72 10.51 23.65 -0.48
C ALA A 72 10.50 22.25 0.10
N ALA A 73 9.48 21.46 -0.23
CA ALA A 73 9.41 20.08 0.26
C ALA A 73 10.58 19.28 -0.30
N ALA A 74 10.89 19.47 -1.59
CA ALA A 74 12.03 18.79 -2.19
C ALA A 74 13.34 19.18 -1.52
N ALA A 75 13.51 20.46 -1.21
CA ALA A 75 14.73 20.91 -0.56
C ALA A 75 14.87 20.28 0.83
N LEU A 76 13.76 20.14 1.54
CA LEU A 76 13.81 19.50 2.86
C LEU A 76 14.25 18.04 2.72
N ALA A 77 13.68 17.33 1.75
CA ALA A 77 14.05 15.94 1.55
C ALA A 77 15.52 15.82 1.13
N ALA A 78 16.00 16.74 0.30
CA ALA A 78 17.40 16.70 -0.11
C ALA A 78 18.33 16.91 1.08
N ARG A 79 17.95 17.82 1.98
CA ARG A 79 18.71 18.01 3.21
C ARG A 79 18.72 16.73 4.05
N CYS A 80 17.59 16.05 4.15
CA CYS A 80 17.54 14.78 4.87
C CYS A 80 18.49 13.76 4.25
N ALA A 81 18.49 13.66 2.93
CA ALA A 81 19.36 12.71 2.25
C ALA A 81 20.82 13.05 2.47
N GLN A 82 21.14 14.34 2.65
CA GLN A 82 22.51 14.71 2.93
C GLN A 82 22.92 14.36 4.36
N ARG A 83 21.96 14.36 5.29
CA ARG A 83 22.28 14.23 6.72
C ARG A 83 22.11 12.83 7.29
N TYR A 84 21.39 11.93 6.60
CA TYR A 84 21.15 10.58 7.09
C TYR A 84 21.68 9.58 6.08
N ASP A 85 22.15 8.43 6.57
CA ASP A 85 22.70 7.43 5.65
C ASP A 85 21.60 6.71 4.86
N GLU A 86 20.44 6.46 5.48
CA GLU A 86 19.41 5.76 4.75
CA GLU A 86 19.42 5.64 4.85
C GLU A 86 18.05 6.05 5.36
N THR A 87 17.02 5.82 4.52
CA THR A 87 15.63 6.13 4.92
C THR A 87 15.15 5.23 6.03
N ASP A 88 15.55 3.97 6.03
CA ASP A 88 15.08 2.98 6.98
C ASP A 88 15.98 2.83 8.19
N GLY A 89 17.03 3.64 8.28
CA GLY A 89 17.89 3.59 9.44
C GLY A 89 17.09 3.96 10.67
N PRO A 90 17.51 3.47 11.84
CA PRO A 90 16.77 3.81 13.05
C PRO A 90 16.71 5.31 13.30
N GLU A 91 17.75 6.05 12.90
CA GLU A 91 17.78 7.48 13.19
C GLU A 91 16.73 8.24 12.40
N PHE A 92 16.69 8.04 11.08
CA PHE A 92 15.71 8.78 10.30
C PHE A 92 14.29 8.29 10.59
N LEU A 93 14.11 7.01 10.90
CA LEU A 93 12.78 6.54 11.27
C LEU A 93 12.24 7.33 12.44
N LEU A 94 13.09 7.61 13.44
CA LEU A 94 12.65 8.34 14.61
C LEU A 94 12.53 9.84 14.34
N ASP A 95 13.41 10.39 13.50
CA ASP A 95 13.47 11.84 13.31
C ASP A 95 12.48 12.36 12.27
N ALA A 96 12.11 11.52 11.30
CA ALA A 96 11.29 12.00 10.19
C ALA A 96 9.97 12.62 10.62
N PRO A 97 9.24 12.09 11.61
CA PRO A 97 7.97 12.74 12.00
C PRO A 97 8.16 14.15 12.50
N VAL A 98 9.30 14.46 13.13
CA VAL A 98 9.54 15.81 13.62
C VAL A 98 10.09 16.70 12.52
N ILE A 99 10.94 16.16 11.65
CA ILE A 99 11.42 16.94 10.51
C ILE A 99 10.24 17.34 9.62
N ALA A 100 9.24 16.47 9.49
CA ALA A 100 8.11 16.77 8.63
C ALA A 100 7.34 17.99 9.11
N HIS A 101 7.50 18.39 10.38
CA HIS A 101 6.92 19.63 10.86
C HIS A 101 7.42 20.86 10.11
N GLU A 102 8.53 20.72 9.35
CA GLU A 102 9.09 21.82 8.57
CA GLU A 102 9.10 21.80 8.56
C GLU A 102 8.55 21.85 7.14
N LEU A 103 7.70 20.89 6.75
CA LEU A 103 7.09 20.91 5.42
C LEU A 103 6.20 22.15 5.28
N PRO A 104 5.84 22.51 4.04
CA PRO A 104 4.98 23.68 3.84
C PRO A 104 3.71 23.58 4.67
N ARG A 105 3.34 24.69 5.31
CA ARG A 105 2.26 24.64 6.28
C ARG A 105 0.91 24.29 5.64
N ARG A 106 0.66 24.75 4.42
CA ARG A 106 -0.62 24.46 3.80
C ARG A 106 -0.77 22.96 3.56
N LEU A 107 0.34 22.28 3.28
CA LEU A 107 0.31 20.82 3.14
C LEU A 107 0.08 20.13 4.49
N ARG A 108 0.72 20.63 5.55
CA ARG A 108 0.51 20.03 6.86
C ARG A 108 -0.93 20.19 7.31
N THR A 109 -1.54 21.34 6.99
CA THR A 109 -2.95 21.54 7.30
C THR A 109 -3.82 20.55 6.53
N PHE A 110 -3.54 20.36 5.24
CA PHE A 110 -4.32 19.40 4.45
C PHE A 110 -4.21 18.00 5.04
N MET A 111 -3.00 17.57 5.40
CA MET A 111 -2.81 16.21 5.89
C MET A 111 -3.46 16.03 7.25
N ALA A 112 -3.36 17.03 8.13
CA ALA A 112 -3.96 16.93 9.46
C ALA A 112 -5.48 16.92 9.38
N ARG A 113 -6.07 17.66 8.45
CA ARG A 113 -7.51 17.75 8.35
C ARG A 113 -8.09 16.61 7.53
N ALA A 114 -7.51 16.34 6.37
CA ALA A 114 -8.11 15.36 5.47
C ALA A 114 -8.07 13.96 6.07
N ARG A 115 -7.09 13.65 6.91
CA ARG A 115 -7.07 12.33 7.53
C ARG A 115 -8.27 12.14 8.44
N LEU A 116 -8.82 13.23 8.98
CA LEU A 116 -9.95 13.11 9.90
C LEU A 116 -11.30 13.19 9.22
N ASP A 117 -11.35 13.52 7.92
CA ASP A 117 -12.63 13.53 7.24
C ASP A 117 -13.22 12.12 7.19
N ALA A 118 -14.55 12.05 7.09
CA ALA A 118 -15.22 10.76 7.20
C ALA A 118 -15.24 9.97 5.89
N TRP A 119 -15.02 10.63 4.75
CA TRP A 119 -15.36 10.03 3.45
C TRP A 119 -14.24 9.60 2.51
N PRO A 120 -13.06 10.23 2.48
CA PRO A 120 -12.14 9.95 1.36
CA PRO A 120 -12.12 9.96 1.38
C PRO A 120 -11.55 8.55 1.40
N HIS A 121 -11.40 7.97 0.19
CA HIS A 121 -10.72 6.69 0.02
C HIS A 121 -9.20 6.85 0.01
N ALA A 122 -8.71 8.04 -0.29
CA ALA A 122 -7.27 8.29 -0.34
C ALA A 122 -7.06 9.79 -0.17
N LEU A 123 -5.82 10.14 0.21
CA LEU A 123 -5.31 11.50 0.24
C LEU A 123 -4.27 11.60 -0.86
N VAL A 124 -4.47 12.51 -1.81
CA VAL A 124 -3.63 12.60 -3.00
C VAL A 124 -2.96 13.97 -3.04
N VAL A 125 -1.64 13.97 -3.19
CA VAL A 125 -0.84 15.19 -3.27
C VAL A 125 -0.18 15.22 -4.64
N ARG A 126 -0.52 16.23 -5.44
CA ARG A 126 0.03 16.39 -6.78
C ARG A 126 1.12 17.45 -6.79
N GLY A 127 2.08 17.29 -7.69
CA GLY A 127 2.98 18.37 -8.04
C GLY A 127 4.40 18.31 -7.51
N ASN A 128 4.90 17.16 -7.09
CA ASN A 128 6.30 17.10 -6.70
C ASN A 128 7.16 16.99 -7.96
N PRO A 129 8.15 17.88 -8.15
CA PRO A 129 8.97 17.77 -9.36
C PRO A 129 9.86 16.54 -9.36
N VAL A 130 9.99 15.92 -10.54
CA VAL A 130 10.88 14.80 -10.80
C VAL A 130 11.54 15.01 -12.16
N ASP A 131 12.86 14.95 -12.19
CA ASP A 131 13.64 15.14 -13.41
C ASP A 131 14.14 13.77 -13.86
N ASP A 132 13.62 13.28 -14.99
CA ASP A 132 13.96 11.93 -15.44
C ASP A 132 15.45 11.74 -15.64
N ALA A 133 16.17 12.79 -16.05
CA ALA A 133 17.61 12.69 -16.22
C ALA A 133 18.32 12.54 -14.89
N ALA A 134 17.86 13.26 -13.86
CA ALA A 134 18.42 13.08 -12.53
C ALA A 134 17.99 11.75 -11.91
N LEU A 135 16.76 11.32 -12.19
CA LEU A 135 16.24 10.10 -11.58
C LEU A 135 17.00 8.87 -12.06
N GLY A 136 17.35 8.84 -13.35
CA GLY A 136 17.99 7.66 -13.90
C GLY A 136 16.99 6.61 -14.37
N SER A 137 17.53 5.51 -14.87
CA SER A 137 16.68 4.48 -15.45
C SER A 137 15.91 3.72 -14.38
N THR A 138 14.76 3.19 -14.78
CA THR A 138 13.98 2.36 -13.88
C THR A 138 14.72 1.05 -13.60
N PRO A 139 14.94 0.69 -12.33
CA PRO A 139 15.64 -0.56 -12.02
C PRO A 139 14.93 -1.78 -12.58
N VAL A 140 15.72 -2.84 -12.81
CA VAL A 140 15.16 -4.09 -13.33
C VAL A 140 14.57 -4.97 -12.24
N HIS A 141 14.83 -4.65 -10.96
CA HIS A 141 14.37 -5.44 -9.83
C HIS A 141 14.37 -4.54 -8.61
N TRP A 142 13.58 -4.90 -7.59
CA TRP A 142 13.56 -4.06 -6.40
C TRP A 142 14.88 -4.12 -5.64
N ARG A 143 15.61 -5.24 -5.76
CA ARG A 143 16.86 -5.40 -5.02
CA ARG A 143 16.86 -5.39 -5.01
C ARG A 143 17.82 -4.24 -5.29
N THR A 144 17.92 -3.83 -6.55
CA THR A 144 18.86 -2.79 -6.96
C THR A 144 18.18 -1.44 -7.16
N ALA A 145 17.00 -1.24 -6.57
CA ALA A 145 16.19 -0.06 -6.87
C ALA A 145 16.44 1.13 -5.94
N ARG A 146 17.38 1.02 -4.99
CA ARG A 146 17.73 2.17 -4.16
C ARG A 146 18.86 2.95 -4.85
N THR A 147 18.50 3.55 -5.96
CA THR A 147 19.44 4.27 -6.78
C THR A 147 19.64 5.69 -6.25
N PRO A 148 20.80 6.29 -6.48
CA PRO A 148 21.01 7.67 -6.00
C PRO A 148 19.96 8.64 -6.54
N GLY A 149 19.53 8.45 -7.78
CA GLY A 149 18.55 9.34 -8.36
C GLY A 149 17.19 9.28 -7.68
N SER A 150 16.86 8.13 -7.08
CA SER A 150 15.57 7.98 -6.40
C SER A 150 15.66 8.27 -4.91
N ARG A 151 16.86 8.48 -4.40
CA ARG A 151 17.07 8.58 -2.95
C ARG A 151 16.36 9.79 -2.34
N PRO A 152 16.50 11.02 -2.86
CA PRO A 152 15.77 12.13 -2.24
C PRO A 152 14.27 11.92 -2.22
N LEU A 153 13.71 11.35 -3.29
CA LEU A 153 12.26 11.13 -3.36
C LEU A 153 11.81 10.06 -2.36
N SER A 154 12.66 9.09 -2.04
CA SER A 154 12.34 8.16 -0.97
C SER A 154 12.27 8.87 0.37
N PHE A 155 13.22 9.77 0.63
CA PHE A 155 13.16 10.58 1.85
C PHE A 155 11.89 11.43 1.86
N LEU A 156 11.50 11.97 0.71
CA LEU A 156 10.30 12.79 0.65
C LEU A 156 9.06 11.98 1.00
N LEU A 157 8.92 10.79 0.42
CA LEU A 157 7.77 9.96 0.76
C LEU A 157 7.71 9.69 2.25
N MET A 158 8.86 9.40 2.85
CA MET A 158 8.87 9.12 4.28
CA MET A 158 8.91 9.13 4.28
C MET A 158 8.46 10.33 5.10
N LEU A 159 8.86 11.54 4.66
CA LEU A 159 8.45 12.74 5.39
C LEU A 159 6.93 12.92 5.33
N TYR A 160 6.35 12.79 4.13
CA TYR A 160 4.91 12.89 4.01
C TYR A 160 4.22 11.84 4.86
N ALA A 161 4.72 10.61 4.82
CA ALA A 161 4.11 9.52 5.58
C ALA A 161 4.09 9.82 7.07
N GLY A 162 5.15 10.45 7.58
CA GLY A 162 5.24 10.75 9.01
C GLY A 162 4.18 11.70 9.51
N LEU A 163 3.54 12.45 8.61
CA LEU A 163 2.41 13.28 8.99
C LEU A 163 1.15 12.48 9.26
N LEU A 164 1.09 11.23 8.77
CA LEU A 164 -0.10 10.40 8.88
C LEU A 164 0.01 9.30 9.93
N GLY A 165 1.21 8.87 10.31
CA GLY A 165 1.34 7.82 11.31
C GLY A 165 2.74 7.24 11.39
N ASP A 166 2.79 5.98 11.84
CA ASP A 166 4.02 5.26 12.11
C ASP A 166 4.31 4.33 10.93
N VAL A 167 5.46 4.52 10.29
CA VAL A 167 5.79 3.66 9.15
C VAL A 167 6.37 2.33 9.64
N PHE A 168 6.25 1.30 8.80
CA PHE A 168 6.74 -0.02 9.13
C PHE A 168 6.87 -0.84 7.85
N GLY A 169 7.64 -1.93 7.95
CA GLY A 169 7.72 -2.92 6.90
C GLY A 169 7.47 -4.34 7.40
N TRP A 170 7.71 -5.31 6.52
CA TRP A 170 7.47 -6.72 6.83
C TRP A 170 8.75 -7.51 6.56
N ALA A 171 9.14 -8.38 7.49
CA ALA A 171 10.34 -9.17 7.31
C ALA A 171 10.28 -10.00 6.03
N THR A 172 9.08 -10.36 5.61
CA THR A 172 8.87 -11.25 4.48
C THR A 172 8.73 -10.54 3.14
N GLN A 173 8.76 -9.21 3.11
CA GLN A 173 8.53 -8.45 1.88
CA GLN A 173 8.53 -8.45 1.88
C GLN A 173 9.74 -7.58 1.58
N GLN A 174 10.30 -7.73 0.38
CA GLN A 174 11.44 -6.96 -0.10
C GLN A 174 12.47 -6.73 1.01
N ASP A 175 12.90 -7.84 1.61
CA ASP A 175 14.01 -7.86 2.55
C ASP A 175 13.76 -6.99 3.78
N GLY A 176 12.49 -6.82 4.15
CA GLY A 176 12.17 -6.05 5.34
C GLY A 176 12.30 -4.55 5.18
N ARG A 177 12.39 -4.06 3.95
CA ARG A 177 12.53 -2.64 3.71
C ARG A 177 11.26 -1.89 4.11
N VAL A 178 11.43 -0.66 4.59
CA VAL A 178 10.27 0.16 4.90
C VAL A 178 9.80 0.90 3.65
N VAL A 179 10.70 1.58 2.96
CA VAL A 179 10.38 2.12 1.64
C VAL A 179 10.61 1.02 0.64
N THR A 180 9.54 0.58 -0.03
CA THR A 180 9.61 -0.51 -0.99
C THR A 180 9.40 0.03 -2.40
N ASP A 181 9.51 -0.85 -3.40
CA ASP A 181 9.45 -0.46 -4.80
C ASP A 181 8.38 -1.24 -5.56
N VAL A 182 7.68 -0.51 -6.43
CA VAL A 182 6.71 -1.05 -7.36
C VAL A 182 7.24 -0.80 -8.76
N LEU A 183 7.61 -1.86 -9.47
CA LEU A 183 8.10 -1.76 -10.83
C LEU A 183 7.93 -3.11 -11.50
N PRO A 184 7.83 -3.15 -12.82
CA PRO A 184 7.60 -4.43 -13.49
C PRO A 184 8.89 -5.23 -13.59
N ILE A 185 8.84 -6.49 -13.17
CA ILE A 185 9.99 -7.38 -13.21
C ILE A 185 9.82 -8.33 -14.39
N LYS A 186 10.80 -8.34 -15.28
CA LYS A 186 10.76 -9.17 -16.48
C LYS A 186 10.61 -10.65 -16.10
N GLY A 187 9.68 -11.32 -16.78
CA GLY A 187 9.35 -12.69 -16.44
C GLY A 187 8.28 -12.83 -15.38
N GLY A 188 7.93 -11.74 -14.70
CA GLY A 188 6.96 -11.76 -13.63
C GLY A 188 5.72 -10.97 -13.97
N GLU A 189 5.35 -11.01 -15.26
CA GLU A 189 4.24 -10.21 -15.76
C GLU A 189 2.89 -10.73 -15.29
N HIS A 190 2.78 -12.04 -15.09
CA HIS A 190 1.49 -12.65 -14.80
C HIS A 190 1.45 -13.20 -13.38
N THR A 191 1.92 -12.42 -12.44
CA THR A 191 1.94 -12.80 -11.03
C THR A 191 0.89 -12.00 -10.29
N LEU A 192 0.73 -12.33 -9.01
CA LEU A 192 -0.22 -11.67 -8.14
C LEU A 192 0.43 -10.61 -7.26
N VAL A 193 1.66 -10.22 -7.56
CA VAL A 193 2.38 -9.24 -6.77
CA VAL A 193 2.41 -9.26 -6.78
C VAL A 193 2.49 -7.94 -7.56
N SER A 194 2.93 -6.88 -6.89
CA SER A 194 2.89 -5.54 -7.48
C SER A 194 3.90 -5.34 -8.59
N SER A 195 4.80 -6.29 -8.83
CA SER A 195 5.74 -6.23 -9.95
C SER A 195 5.19 -6.90 -11.20
N SER A 196 3.91 -7.26 -11.19
CA SER A 196 3.23 -7.69 -12.39
C SER A 196 3.02 -6.52 -13.34
N SER A 197 2.53 -6.85 -14.54
CA SER A 197 2.22 -5.83 -15.53
C SER A 197 1.09 -6.31 -16.42
N ARG A 198 1.38 -7.32 -17.27
CA ARG A 198 0.42 -7.73 -18.27
C ARG A 198 -0.85 -8.29 -17.64
N GLN A 199 -0.73 -8.88 -16.45
CA GLN A 199 -1.91 -9.28 -15.68
C GLN A 199 -2.26 -8.17 -14.70
N GLU A 200 -3.51 -7.75 -14.72
CA GLU A 200 -4.00 -6.76 -13.77
C GLU A 200 -3.70 -7.22 -12.34
N LEU A 201 -3.33 -6.27 -11.49
CA LEU A 201 -3.25 -6.51 -10.06
C LEU A 201 -4.67 -6.38 -9.52
N GLY A 202 -5.25 -7.50 -9.13
CA GLY A 202 -6.64 -7.50 -8.68
C GLY A 202 -6.79 -6.72 -7.39
N TRP A 203 -8.00 -6.20 -7.19
CA TRP A 203 -8.26 -5.37 -6.01
C TRP A 203 -8.11 -6.17 -4.71
N HIS A 204 -7.65 -5.49 -3.67
CA HIS A 204 -7.41 -6.15 -2.39
C HIS A 204 -7.14 -5.11 -1.32
N THR A 205 -7.48 -5.48 -0.08
CA THR A 205 -6.92 -4.83 1.09
C THR A 205 -5.45 -5.23 1.23
N GLU A 206 -4.57 -4.25 1.40
CA GLU A 206 -3.17 -4.57 1.60
C GLU A 206 -2.99 -5.44 2.84
N ASP A 207 -2.29 -6.56 2.65
CA ASP A 207 -1.97 -7.50 3.72
C ASP A 207 -3.22 -7.91 4.48
N ALA A 208 -4.28 -8.24 3.72
CA ALA A 208 -5.57 -8.56 4.32
C ALA A 208 -5.45 -9.70 5.32
N PHE A 209 -4.53 -10.63 5.08
CA PHE A 209 -4.36 -11.77 5.96
C PHE A 209 -4.03 -11.38 7.40
N SER A 210 -3.47 -10.19 7.62
CA SER A 210 -2.83 -9.86 8.90
C SER A 210 -3.64 -8.86 9.70
N PRO A 211 -3.81 -9.09 11.01
CA PRO A 211 -4.39 -8.03 11.87
C PRO A 211 -3.53 -6.80 11.97
N TYR A 212 -2.28 -6.85 11.51
CA TYR A 212 -1.33 -5.76 11.60
C TYR A 212 -1.19 -5.01 10.28
N ARG A 213 -2.07 -5.28 9.32
CA ARG A 213 -2.05 -4.58 8.05
C ARG A 213 -2.10 -3.07 8.25
N ALA A 214 -1.52 -2.36 7.29
CA ALA A 214 -1.45 -0.91 7.33
C ALA A 214 -2.84 -0.28 7.40
N ASP A 215 -2.90 0.88 8.07
CA ASP A 215 -4.04 1.77 7.93
C ASP A 215 -3.97 2.59 6.66
N TYR A 216 -2.77 2.99 6.22
CA TYR A 216 -2.60 3.74 4.99
C TYR A 216 -1.46 3.13 4.19
N VAL A 217 -1.63 3.07 2.87
CA VAL A 217 -0.58 2.66 1.94
C VAL A 217 -0.18 3.89 1.16
N GLY A 218 1.09 4.30 1.29
CA GLY A 218 1.60 5.47 0.60
C GLY A 218 2.29 5.07 -0.69
N LEU A 219 2.06 5.85 -1.74
CA LEU A 219 2.62 5.62 -3.06
C LEU A 219 3.16 6.93 -3.60
N LEU A 220 4.39 6.91 -4.10
CA LEU A 220 4.97 8.06 -4.77
CA LEU A 220 4.97 8.06 -4.78
C LEU A 220 5.35 7.62 -6.18
N SER A 221 4.79 8.28 -7.18
CA SER A 221 5.03 7.92 -8.56
C SER A 221 6.33 8.58 -9.03
N LEU A 222 7.39 7.78 -9.17
CA LEU A 222 8.65 8.28 -9.73
C LEU A 222 8.55 8.47 -11.24
N ARG A 223 7.82 7.60 -11.92
CA ARG A 223 7.55 7.78 -13.35
CA ARG A 223 7.58 7.74 -13.35
C ARG A 223 6.40 6.85 -13.73
N ASN A 224 5.59 7.34 -14.68
CA ASN A 224 4.42 6.63 -15.18
C ASN A 224 4.07 7.22 -16.55
N PRO A 225 4.96 7.04 -17.52
CA PRO A 225 4.83 7.81 -18.77
C PRO A 225 3.56 7.53 -19.55
N ASP A 226 2.98 6.33 -19.42
CA ASP A 226 1.78 5.96 -20.14
C ASP A 226 0.51 6.05 -19.28
N GLY A 227 0.61 6.64 -18.10
CA GLY A 227 -0.57 6.95 -17.30
C GLY A 227 -1.32 5.73 -16.83
N VAL A 228 -0.61 4.67 -16.43
CA VAL A 228 -1.26 3.45 -15.98
C VAL A 228 -2.01 3.73 -14.69
N ALA A 229 -3.26 3.28 -14.61
CA ALA A 229 -4.14 3.62 -13.51
C ALA A 229 -3.99 2.65 -12.33
N THR A 230 -3.91 3.21 -11.13
CA THR A 230 -4.25 2.53 -9.91
C THR A 230 -5.77 2.40 -9.83
N THR A 231 -6.25 1.29 -9.28
CA THR A 231 -7.67 1.06 -9.11
C THR A 231 -8.06 1.11 -7.64
N LEU A 232 -9.27 1.59 -7.39
CA LEU A 232 -9.82 1.73 -6.04
C LEU A 232 -11.30 1.40 -6.03
N ALA A 233 -11.77 0.90 -4.89
CA ALA A 233 -13.19 0.79 -4.62
C ALA A 233 -13.42 0.86 -3.12
N GLY A 234 -14.50 1.52 -2.73
CA GLY A 234 -14.96 1.49 -1.36
C GLY A 234 -16.02 0.43 -1.13
N VAL A 235 -16.54 0.40 0.09
CA VAL A 235 -17.63 -0.53 0.41
C VAL A 235 -18.85 -0.16 -0.44
N PRO A 236 -19.45 -1.09 -1.17
CA PRO A 236 -20.62 -0.77 -2.01
C PRO A 236 -21.90 -0.70 -1.19
N LEU A 237 -21.93 0.28 -0.29
CA LEU A 237 -22.97 0.31 0.73
C LEU A 237 -24.33 0.63 0.11
N ASP A 238 -24.34 1.34 -1.02
CA ASP A 238 -25.60 1.66 -1.68
C ASP A 238 -26.31 0.43 -2.24
N ASP A 239 -25.62 -0.70 -2.36
CA ASP A 239 -26.21 -1.89 -2.99
C ASP A 239 -26.23 -3.13 -2.12
N LEU A 240 -25.64 -3.11 -0.93
CA LEU A 240 -25.65 -4.25 -0.04
C LEU A 240 -26.95 -4.30 0.76
N ASP A 241 -27.76 -5.33 0.53
CA ASP A 241 -28.94 -5.51 1.36
C ASP A 241 -28.53 -5.87 2.79
N GLU A 242 -29.47 -5.71 3.72
CA GLU A 242 -29.08 -5.81 5.12
CA GLU A 242 -29.16 -5.83 5.14
C GLU A 242 -28.71 -7.24 5.50
N ARG A 243 -29.32 -8.25 4.89
CA ARG A 243 -28.95 -9.62 5.22
C ARG A 243 -27.52 -9.91 4.77
N THR A 244 -27.18 -9.51 3.55
CA THR A 244 -25.81 -9.67 3.06
C THR A 244 -24.83 -8.91 3.94
N LEU A 245 -25.17 -7.67 4.29
CA LEU A 245 -24.33 -6.89 5.20
C LEU A 245 -24.14 -7.62 6.52
N ASP A 246 -25.23 -8.13 7.11
CA ASP A 246 -25.13 -8.91 8.34
C ASP A 246 -24.10 -10.03 8.21
N VAL A 247 -24.16 -10.77 7.11
CA VAL A 247 -23.28 -11.92 6.96
C VAL A 247 -21.83 -11.48 6.82
N LEU A 248 -21.59 -10.40 6.06
CA LEU A 248 -20.22 -9.91 5.87
C LEU A 248 -19.60 -9.42 7.17
N PHE A 249 -20.42 -9.00 8.14
CA PHE A 249 -19.93 -8.62 9.47
C PHE A 249 -19.65 -9.81 10.37
N GLN A 250 -19.96 -11.04 9.94
CA GLN A 250 -19.74 -12.22 10.74
C GLN A 250 -18.41 -12.87 10.38
N GLU A 251 -17.86 -13.64 11.33
CA GLU A 251 -16.55 -14.27 11.16
C GLU A 251 -16.73 -15.60 10.43
N ARG A 252 -16.97 -15.46 9.12
CA ARG A 252 -17.36 -16.58 8.28
C ARG A 252 -16.54 -16.63 6.99
N PHE A 253 -15.37 -16.01 6.99
CA PHE A 253 -14.54 -15.91 5.79
C PHE A 253 -13.09 -16.24 6.14
N LEU A 254 -12.34 -16.59 5.11
CA LEU A 254 -10.94 -16.94 5.21
C LEU A 254 -10.16 -16.02 4.26
N ILE A 255 -8.93 -15.74 4.61
N ILE A 255 -8.95 -15.65 4.68
CA ILE A 255 -8.07 -14.97 3.71
CA ILE A 255 -8.11 -14.69 3.99
C ILE A 255 -6.92 -15.90 3.30
C ILE A 255 -6.65 -15.05 4.24
N ARG A 256 -5.69 -15.49 3.55
N ARG A 256 -5.92 -15.39 3.18
CA ARG A 256 -4.49 -16.10 2.98
CA ARG A 256 -4.57 -15.93 3.27
C ARG A 256 -3.49 -14.99 2.71
C ARG A 256 -3.53 -14.91 2.82
N PRO A 257 -2.27 -15.07 3.22
CA PRO A 257 -1.26 -14.08 2.84
C PRO A 257 -1.02 -14.11 1.34
N ASP A 258 -0.83 -12.94 0.76
CA ASP A 258 -0.62 -12.85 -0.67
C ASP A 258 0.81 -13.26 -1.02
N ASP A 259 1.05 -13.42 -2.33
CA ASP A 259 2.30 -14.02 -2.78
C ASP A 259 3.52 -13.14 -2.50
N SER A 260 3.34 -11.86 -2.19
CA SER A 260 4.50 -11.01 -1.91
C SER A 260 5.26 -11.47 -0.67
N HIS A 261 4.62 -12.24 0.21
CA HIS A 261 5.25 -12.73 1.43
C HIS A 261 5.88 -14.10 1.26
N LEU A 262 5.88 -14.65 0.04
CA LEU A 262 6.51 -15.93 -0.23
C LEU A 262 8.03 -15.76 -0.33
N GLN A 263 8.74 -16.81 0.07
CA GLN A 263 10.20 -16.75 0.10
C GLN A 263 10.79 -16.55 -1.29
N VAL A 264 10.13 -17.08 -2.32
CA VAL A 264 10.64 -16.94 -3.69
C VAL A 264 10.57 -15.50 -4.17
N ASN A 265 9.76 -14.65 -3.53
CA ASN A 265 9.71 -13.23 -3.82
C ASN A 265 10.56 -12.41 -2.84
N ASN A 266 11.55 -13.03 -2.22
CA ASN A 266 12.56 -12.35 -1.42
C ASN A 266 13.93 -12.89 -1.77
N SER A 267 14.96 -12.13 -1.41
CA SER A 267 16.33 -12.49 -1.73
C SER A 267 16.76 -13.72 -0.95
N THR A 268 17.82 -14.38 -1.45
CA THR A 268 18.43 -15.47 -0.71
C THR A 268 19.09 -14.93 0.56
N ALA A 269 19.31 -15.83 1.52
CA ALA A 269 19.77 -15.48 2.85
C ALA A 269 18.64 -14.86 3.66
N GLN A 270 17.54 -14.50 3.00
CA GLN A 270 16.32 -14.06 3.66
C GLN A 270 15.31 -15.19 3.82
N GLN A 271 15.42 -16.24 3.02
CA GLN A 271 14.52 -17.39 3.14
C GLN A 271 14.61 -18.04 4.52
N GLY A 272 15.66 -17.76 5.29
CA GLY A 272 15.83 -18.32 6.61
C GLY A 272 15.18 -17.57 7.74
N ARG A 273 14.60 -16.41 7.47
CA ARG A 273 13.89 -15.67 8.50
C ARG A 273 12.76 -16.50 9.08
N VAL A 274 12.65 -16.50 10.41
CA VAL A 274 11.61 -17.26 11.07
C VAL A 274 10.23 -16.67 10.79
N GLU A 275 10.16 -15.40 10.39
CA GLU A 275 8.88 -14.77 10.11
C GLU A 275 8.13 -15.47 8.98
N PHE A 276 8.84 -16.14 8.07
CA PHE A 276 8.16 -16.90 7.04
C PHE A 276 7.36 -18.06 7.62
N GLU A 277 7.71 -18.54 8.81
CA GLU A 277 6.91 -19.57 9.47
C GLU A 277 5.49 -19.06 9.72
N GLY A 278 5.36 -17.85 10.26
CA GLY A 278 4.05 -17.30 10.51
C GLY A 278 3.24 -17.12 9.24
N ILE A 279 3.90 -16.79 8.12
CA ILE A 279 3.20 -16.70 6.85
C ILE A 279 2.66 -18.06 6.44
N ALA A 280 3.47 -19.12 6.62
CA ALA A 280 2.99 -20.46 6.30
C ALA A 280 1.78 -20.83 7.16
N GLN A 281 1.80 -20.46 8.44
CA GLN A 281 0.66 -20.79 9.31
C GLN A 281 -0.60 -20.10 8.84
N ALA A 282 -0.52 -18.83 8.46
CA ALA A 282 -1.69 -18.09 8.02
C ALA A 282 -2.22 -18.63 6.70
N ALA A 283 -1.35 -19.19 5.85
CA ALA A 283 -1.79 -19.73 4.57
C ALA A 283 -2.33 -21.16 4.73
N ASP A 284 -1.75 -21.94 5.63
CA ASP A 284 -2.16 -23.33 5.82
C ASP A 284 -3.31 -23.45 6.81
N ARG A 285 -3.38 -22.57 7.81
CA ARG A 285 -4.41 -22.64 8.86
C ARG A 285 -4.99 -21.26 9.11
N PRO A 286 -5.65 -20.67 8.13
CA PRO A 286 -6.31 -19.39 8.36
C PRO A 286 -7.50 -19.54 9.30
N GLU A 287 -7.62 -18.59 10.22
CA GLU A 287 -8.75 -18.59 11.12
CA GLU A 287 -8.75 -18.59 11.13
C GLU A 287 -9.90 -17.78 10.53
N PRO A 288 -11.16 -18.14 10.83
CA PRO A 288 -12.27 -17.38 10.26
C PRO A 288 -12.24 -15.93 10.71
N VAL A 289 -12.57 -15.03 9.78
CA VAL A 289 -12.60 -13.61 10.05
C VAL A 289 -13.80 -13.00 9.34
N ALA A 290 -14.13 -11.78 9.75
CA ALA A 290 -15.14 -10.98 9.08
C ALA A 290 -14.52 -10.24 7.91
N ILE A 291 -15.37 -9.82 6.97
CA ILE A 291 -14.94 -8.90 5.91
C ILE A 291 -15.24 -7.46 6.30
N LEU A 292 -16.37 -7.20 6.95
CA LEU A 292 -16.72 -5.86 7.39
C LEU A 292 -16.64 -5.78 8.91
N THR A 293 -16.21 -4.62 9.40
CA THR A 293 -16.13 -4.33 10.83
C THR A 293 -16.55 -2.88 11.05
N GLY A 294 -16.80 -2.55 12.31
CA GLY A 294 -17.07 -1.16 12.66
C GLY A 294 -18.53 -0.76 12.52
N HIS A 295 -18.75 0.47 12.07
CA HIS A 295 -20.08 1.05 11.96
C HIS A 295 -20.79 0.51 10.73
N ARG A 296 -22.03 0.03 10.92
CA ARG A 296 -22.76 -0.52 9.78
C ARG A 296 -23.00 0.54 8.69
N ALA A 297 -23.03 1.83 9.06
CA ALA A 297 -23.24 2.89 8.09
C ALA A 297 -21.95 3.37 7.43
N ALA A 298 -20.82 2.88 7.90
CA ALA A 298 -19.52 3.27 7.34
C ALA A 298 -18.52 2.17 7.67
N PRO A 299 -18.72 0.95 7.16
CA PRO A 299 -17.89 -0.19 7.58
C PRO A 299 -16.45 -0.07 7.12
N HIS A 300 -15.57 -0.68 7.89
CA HIS A 300 -14.21 -0.91 7.43
C HIS A 300 -14.14 -2.26 6.73
N LEU A 301 -13.21 -2.36 5.80
CA LEU A 301 -13.19 -3.40 4.78
C LEU A 301 -11.91 -4.22 4.86
N ARG A 302 -12.04 -5.54 4.78
CA ARG A 302 -10.90 -6.46 4.81
C ARG A 302 -11.19 -7.61 3.85
N VAL A 303 -10.61 -7.56 2.65
CA VAL A 303 -10.96 -8.56 1.64
C VAL A 303 -9.88 -8.56 0.57
N ASP A 304 -9.70 -9.70 -0.08
CA ASP A 304 -8.76 -9.84 -1.18
C ASP A 304 -9.48 -10.62 -2.26
N GLY A 305 -9.65 -10.00 -3.42
CA GLY A 305 -10.42 -10.63 -4.47
C GLY A 305 -9.84 -11.96 -4.93
N ASP A 306 -8.51 -12.13 -4.79
N ASP A 306 -8.52 -12.13 -4.81
CA ASP A 306 -7.80 -13.32 -5.23
CA ASP A 306 -7.87 -13.36 -5.25
C ASP A 306 -7.33 -14.22 -4.09
C ASP A 306 -7.59 -14.35 -4.13
N PHE A 307 -7.72 -13.93 -2.86
N PHE A 307 -7.70 -13.93 -2.88
CA PHE A 307 -7.31 -14.79 -1.76
CA PHE A 307 -7.31 -14.78 -1.76
C PHE A 307 -8.42 -14.99 -0.73
C PHE A 307 -8.42 -14.99 -0.73
N SER A 308 -9.53 -14.25 -0.81
CA SER A 308 -10.62 -14.44 0.13
C SER A 308 -11.45 -15.66 -0.26
N ALA A 309 -12.00 -16.33 0.75
CA ALA A 309 -12.86 -17.46 0.53
C ALA A 309 -13.87 -17.54 1.66
N PRO A 310 -14.99 -18.21 1.45
CA PRO A 310 -15.89 -18.49 2.56
C PRO A 310 -15.29 -19.56 3.46
N ALA A 311 -15.75 -19.58 4.70
CA ALA A 311 -15.48 -20.73 5.55
C ALA A 311 -15.96 -21.99 4.86
N GLU A 312 -15.26 -23.10 5.12
CA GLU A 312 -15.57 -24.40 4.53
C GLU A 312 -17.06 -24.71 4.59
N GLY A 313 -17.68 -24.85 3.41
CA GLY A 313 -19.06 -25.29 3.32
C GLY A 313 -20.11 -24.26 3.69
N ASP A 314 -19.71 -23.03 4.01
CA ASP A 314 -20.66 -21.98 4.41
C ASP A 314 -21.18 -21.31 3.15
N GLU A 315 -22.33 -21.77 2.66
CA GLU A 315 -22.80 -21.29 1.36
C GLU A 315 -23.45 -19.92 1.47
N GLU A 316 -23.99 -19.55 2.64
CA GLU A 316 -24.51 -18.20 2.82
C GLU A 316 -23.38 -17.18 2.88
N ALA A 317 -22.27 -17.53 3.53
CA ALA A 317 -21.10 -16.67 3.48
C ALA A 317 -20.59 -16.55 2.06
N ALA A 318 -20.59 -17.68 1.33
CA ALA A 318 -20.11 -17.64 -0.05
C ALA A 318 -20.96 -16.73 -0.91
N ALA A 319 -22.28 -16.78 -0.73
CA ALA A 319 -23.17 -15.91 -1.49
C ALA A 319 -22.87 -14.44 -1.20
N ALA A 320 -22.65 -14.12 0.06
CA ALA A 320 -22.33 -12.73 0.43
C ALA A 320 -21.02 -12.29 -0.22
N LEU A 321 -19.99 -13.14 -0.16
CA LEU A 321 -18.71 -12.79 -0.76
C LEU A 321 -18.83 -12.67 -2.28
N GLY A 322 -19.60 -13.58 -2.90
CA GLY A 322 -19.77 -13.49 -4.35
C GLY A 322 -20.52 -12.24 -4.76
N THR A 323 -21.52 -11.86 -3.99
CA THR A 323 -22.22 -10.60 -4.22
C THR A 323 -21.29 -9.42 -4.06
N LEU A 324 -20.46 -9.42 -3.01
CA LEU A 324 -19.52 -8.34 -2.80
C LEU A 324 -18.53 -8.24 -3.94
N ARG A 325 -18.01 -9.38 -4.41
CA ARG A 325 -17.11 -9.38 -5.56
CA ARG A 325 -17.10 -9.37 -5.55
C ARG A 325 -17.73 -8.66 -6.74
N LYS A 326 -18.97 -9.02 -7.08
CA LYS A 326 -19.65 -8.42 -8.23
CA LYS A 326 -19.58 -8.42 -8.25
C LYS A 326 -19.80 -6.92 -8.05
N LEU A 327 -20.19 -6.50 -6.86
CA LEU A 327 -20.40 -5.08 -6.62
C LEU A 327 -19.10 -4.30 -6.66
N ILE A 328 -18.02 -4.87 -6.11
CA ILE A 328 -16.73 -4.17 -6.19
C ILE A 328 -16.22 -4.13 -7.62
N ASP A 329 -16.30 -5.25 -8.35
CA ASP A 329 -15.90 -5.22 -9.75
C ASP A 329 -16.60 -4.10 -10.50
N ALA A 330 -17.91 -3.92 -10.27
CA ALA A 330 -18.69 -2.97 -11.04
C ALA A 330 -18.51 -1.52 -10.58
N SER A 331 -17.94 -1.29 -9.40
CA SER A 331 -17.74 0.06 -8.90
C SER A 331 -16.28 0.50 -8.89
N LEU A 332 -15.36 -0.39 -9.22
CA LEU A 332 -13.94 -0.09 -9.26
C LEU A 332 -13.69 1.11 -10.16
N TYR A 333 -12.86 2.04 -9.69
CA TYR A 333 -12.56 3.25 -10.45
C TYR A 333 -11.06 3.49 -10.48
N GLU A 334 -10.64 4.45 -11.30
CA GLU A 334 -9.24 4.66 -11.62
C GLU A 334 -8.69 5.95 -11.02
N LEU A 335 -7.46 5.86 -10.53
CA LEU A 335 -6.68 7.00 -10.07
C LEU A 335 -5.32 6.89 -10.76
N VAL A 336 -4.95 7.88 -11.57
CA VAL A 336 -3.69 7.87 -12.28
C VAL A 336 -2.69 8.70 -11.51
N LEU A 337 -1.63 8.06 -11.01
CA LEU A 337 -0.56 8.77 -10.33
C LEU A 337 0.49 9.14 -11.38
N ASP A 338 0.42 10.38 -11.83
CA ASP A 338 1.44 10.88 -12.74
CA ASP A 338 1.43 10.90 -12.74
C ASP A 338 2.74 11.09 -11.98
N GLN A 339 3.81 11.25 -12.74
CA GLN A 339 5.13 11.48 -12.16
C GLN A 339 5.08 12.61 -11.13
N GLY A 340 5.53 12.31 -9.92
CA GLY A 340 5.53 13.26 -8.82
C GLY A 340 4.31 13.23 -7.95
N ASP A 341 3.27 12.51 -8.34
CA ASP A 341 2.06 12.43 -7.52
C ASP A 341 2.27 11.44 -6.38
N VAL A 342 1.67 11.76 -5.23
CA VAL A 342 1.74 10.92 -4.05
C VAL A 342 0.32 10.61 -3.63
N ALA A 343 0.06 9.35 -3.28
CA ALA A 343 -1.24 8.99 -2.72
C ALA A 343 -1.08 8.18 -1.45
N PHE A 344 -1.96 8.44 -0.48
CA PHE A 344 -2.09 7.65 0.73
C PHE A 344 -3.49 7.04 0.71
N ILE A 345 -3.54 5.74 0.40
CA ILE A 345 -4.79 5.02 0.28
C ILE A 345 -5.25 4.57 1.66
N ASP A 346 -6.51 4.82 1.98
CA ASP A 346 -7.11 4.40 3.25
C ASP A 346 -7.41 2.91 3.14
N ASN A 347 -6.55 2.09 3.73
CA ASN A 347 -6.62 0.63 3.62
C ASN A 347 -7.77 0.04 4.43
N ARG A 348 -8.51 0.83 5.20
CA ARG A 348 -9.72 0.35 5.86
CA ARG A 348 -9.72 0.31 5.83
C ARG A 348 -10.99 0.69 5.08
N ARG A 349 -10.96 1.76 4.29
CA ARG A 349 -12.11 2.16 3.52
C ARG A 349 -12.11 1.63 2.09
N ALA A 350 -10.94 1.31 1.55
CA ALA A 350 -10.85 1.01 0.13
C ALA A 350 -9.98 -0.21 -0.11
N VAL A 351 -10.34 -0.95 -1.14
CA VAL A 351 -9.45 -1.93 -1.75
C VAL A 351 -8.76 -1.24 -2.91
N MHS A 352 -7.61 -1.76 -3.31
CA MHS A 352 -6.92 -1.16 -4.45
C MHS A 352 -6.21 -2.20 -5.29
O MHS A 352 -5.96 -3.32 -4.83
CB MHS A 352 -5.94 -0.09 -3.97
CG MHS A 352 -4.68 -0.63 -3.41
ND1 MHS A 352 -4.51 -1.00 -2.10
CD2 MHS A 352 -3.49 -0.87 -4.02
CE1 MHS A 352 -3.24 -1.42 -1.98
NE2 MHS A 352 -2.60 -1.36 -3.12
CM MHS A 352 -5.48 -0.93 -1.03
H MHS A 352 -7.22 -2.44 -2.96
HA MHS A 352 -7.57 -0.73 -5.03
HB2 MHS A 352 -6.37 0.45 -3.29
HB3 MHS A 352 -5.73 0.50 -4.70
HD2 MHS A 352 -3.27 -0.72 -4.91
HE1 MHS A 352 -2.91 -1.73 -1.18
HM1 MHS A 352 -5.02 -1.05 -0.18
HM2 MHS A 352 -6.13 -1.64 -1.16
HM3 MHS A 352 -5.92 -0.07 -1.05
N GLY A 353 -5.89 -1.82 -6.53
CA GLY A 353 -5.19 -2.69 -7.46
C GLY A 353 -4.51 -1.82 -8.49
N ARG A 354 -4.19 -2.40 -9.65
CA ARG A 354 -3.52 -1.66 -10.72
C ARG A 354 -3.87 -2.30 -12.05
N ARG A 355 -4.21 -1.47 -13.04
CA ARG A 355 -4.63 -1.97 -14.35
C ARG A 355 -3.50 -2.76 -15.03
N ALA A 356 -3.91 -3.74 -15.83
CA ALA A 356 -2.96 -4.40 -16.69
C ALA A 356 -2.28 -3.38 -17.61
N PHE A 357 -0.99 -3.59 -17.86
CA PHE A 357 -0.27 -2.74 -18.80
C PHE A 357 0.85 -3.54 -19.46
N GLN A 358 1.27 -3.06 -20.63
CA GLN A 358 2.36 -3.70 -21.34
C GLN A 358 3.68 -3.10 -20.88
N PRO A 359 4.55 -3.88 -20.25
CA PRO A 359 5.83 -3.32 -19.79
C PRO A 359 6.72 -2.99 -20.98
N ARG A 360 7.63 -2.04 -20.74
CA ARG A 360 8.59 -1.58 -21.73
C ARG A 360 9.91 -2.33 -21.65
N TYR A 361 10.47 -2.45 -20.45
CA TYR A 361 11.79 -3.01 -20.20
C TYR A 361 12.88 -2.29 -21.00
N ASP A 362 12.71 -0.98 -21.20
CA ASP A 362 13.67 -0.15 -21.91
C ASP A 362 14.33 0.89 -21.02
N GLY A 363 14.11 0.81 -19.70
CA GLY A 363 14.66 1.77 -18.77
C GLY A 363 13.71 2.86 -18.33
N ARG A 364 12.51 2.96 -18.93
CA ARG A 364 11.57 4.01 -18.56
C ARG A 364 10.23 3.45 -18.10
N ASP A 365 10.23 2.23 -17.55
CA ASP A 365 8.99 1.68 -17.03
C ASP A 365 8.46 2.46 -15.83
N ARG A 366 7.15 2.40 -15.67
CA ARG A 366 6.48 2.88 -14.48
C ARG A 366 7.14 2.37 -13.20
N TRP A 367 7.25 3.25 -12.21
CA TRP A 367 8.03 2.98 -11.01
C TRP A 367 7.45 3.81 -9.87
N LEU A 368 7.04 3.13 -8.80
CA LEU A 368 6.59 3.80 -7.58
C LEU A 368 7.46 3.42 -6.40
N LYS A 369 7.61 4.36 -5.47
CA LYS A 369 8.01 4.01 -4.11
C LYS A 369 6.76 3.83 -3.25
N ARG A 370 6.84 2.94 -2.28
CA ARG A 370 5.67 2.54 -1.49
C ARG A 370 6.06 2.45 -0.03
N ILE A 371 5.08 2.67 0.86
CA ILE A 371 5.34 2.62 2.30
C ILE A 371 4.05 2.28 3.02
N ASN A 372 4.17 1.41 4.03
CA ASN A 372 3.07 1.03 4.92
C ASN A 372 3.06 1.93 6.15
N ILE A 373 1.86 2.38 6.55
CA ILE A 373 1.68 3.31 7.66
C ILE A 373 0.61 2.76 8.60
N THR A 374 0.89 2.78 9.90
CA THR A 374 -0.12 2.45 10.91
C THR A 374 -0.34 3.66 11.80
N ARG A 375 -1.58 3.82 12.26
CA ARG A 375 -1.86 4.84 13.26
C ARG A 375 -1.29 4.50 14.63
N ASP A 376 -0.96 3.23 14.90
CA ASP A 376 -0.48 2.85 16.23
CA ASP A 376 -0.50 2.84 16.23
C ASP A 376 0.44 1.65 16.09
N LEU A 377 1.76 1.92 16.11
CA LEU A 377 2.74 0.84 16.07
C LEU A 377 2.53 -0.19 17.16
N HIS A 378 2.02 0.21 18.34
CA HIS A 378 1.91 -0.75 19.43
C HIS A 378 0.80 -1.78 19.20
N ARG A 379 -0.10 -1.54 18.25
CA ARG A 379 -1.08 -2.55 17.88
C ARG A 379 -0.42 -3.83 17.39
N SER A 380 0.79 -3.74 16.84
CA SER A 380 1.48 -4.87 16.25
C SER A 380 2.60 -5.41 17.14
N ARG A 381 2.58 -5.08 18.42
CA ARG A 381 3.65 -5.47 19.35
C ARG A 381 3.99 -6.95 19.25
N LYS A 382 2.97 -7.81 19.16
CA LYS A 382 3.23 -9.24 19.11
C LYS A 382 4.06 -9.64 17.89
N ALA A 383 4.06 -8.81 16.85
CA ALA A 383 4.76 -9.12 15.60
C ALA A 383 6.07 -8.37 15.44
N TRP A 384 6.41 -7.49 16.38
CA TRP A 384 7.70 -6.78 16.31
C TRP A 384 8.83 -7.80 16.17
N ALA A 385 9.51 -7.76 15.04
CA ALA A 385 10.55 -8.73 14.73
C ALA A 385 11.92 -8.19 15.13
N SER A 388 12.96 -4.16 13.93
CA SER A 388 13.40 -2.79 13.69
C SER A 388 12.38 -2.04 12.84
N ARG A 389 11.14 -1.96 13.35
CA ARG A 389 10.00 -1.49 12.57
C ARG A 389 9.64 -2.46 11.46
N VAL A 390 10.03 -3.71 11.62
CA VAL A 390 9.82 -4.77 10.63
C VAL A 390 9.01 -5.86 11.31
N LEU A 391 7.85 -6.21 10.74
CA LEU A 391 6.89 -7.09 11.38
C LEU A 391 7.02 -8.52 10.89
N GLY A 392 6.70 -9.45 11.78
CA GLY A 392 6.56 -10.84 11.43
C GLY A 392 6.47 -11.73 12.65
N GLN A 393 5.98 -12.95 12.48
CA GLN A 393 5.75 -13.86 13.60
C GLN A 393 6.16 -15.27 13.22
N ARG A 394 6.56 -16.03 14.23
CA ARG A 394 6.81 -17.46 14.09
C ARG A 394 5.49 -18.20 13.87
FE FE2 B . -1.80 -2.87 -2.76
C1 SIN C . 0.04 0.43 -8.03
O1 SIN C . -0.51 1.45 -8.48
O2 SIN C . 0.86 -0.20 -8.73
C2 SIN C . -0.32 -0.01 -6.62
C3 SIN C . 0.61 -1.09 -6.10
C4 SIN C . 0.22 -1.39 -4.67
O3 SIN C . 0.01 -0.46 -3.87
O4 SIN C . 0.06 -2.56 -4.28
H21 SIN C . -0.27 0.86 -5.96
H22 SIN C . -1.34 -0.38 -6.61
H31 SIN C . 1.64 -0.75 -6.13
H32 SIN C . 0.53 -1.99 -6.71
N ARG D . -0.05 -6.21 -2.11
CA ARG D . 0.66 -7.24 -2.86
C ARG D . 2.00 -6.73 -3.38
O ARG D . 2.48 -5.65 -3.05
CB ARG D . -0.18 -7.73 -4.06
CG ARG D . -1.64 -7.98 -3.77
CD ARG D . -1.96 -9.41 -3.44
NE ARG D . -3.36 -9.70 -3.70
CZ ARG D . -3.87 -9.84 -4.92
NH1 ARG D . -3.10 -9.76 -6.01
NH2 ARG D . -5.17 -10.06 -5.06
OXT ARG D . 2.63 -7.42 -4.15
HA ARG D . 0.81 -7.99 -2.26
HB2 ARG D . -0.12 -7.06 -4.75
HB3 ARG D . 0.21 -8.56 -4.37
HG2 ARG D . -1.92 -7.43 -3.02
HG3 ARG D . -2.16 -7.74 -4.56
HD2 ARG D . -1.41 -10.00 -3.97
HD3 ARG D . -1.79 -9.56 -2.49
HE ARG D . -3.89 -9.80 -3.03
HH11 ARG D . -2.26 -9.61 -5.92
HH12 ARG D . -3.46 -9.85 -6.78
HH21 ARG D . -5.68 -10.10 -4.37
HH22 ARG D . -5.51 -10.14 -5.85
C1 EDO E . -2.46 -15.91 -15.94
O1 EDO E . -1.32 -16.00 -16.73
C2 EDO E . -2.24 -15.94 -14.47
O2 EDO E . -3.50 -15.77 -13.88
H11 EDO E . -3.07 -16.63 -16.16
H12 EDO E . -2.93 -15.08 -16.15
HO1 EDO E . -0.95 -16.75 -16.55
H21 EDO E . -1.61 -15.23 -14.23
H22 EDO E . -1.83 -16.78 -14.23
HO2 EDO E . -3.90 -15.13 -14.27
C1 PEG F . -16.14 6.72 -9.49
O1 PEG F . -16.34 6.56 -8.10
C2 PEG F . -15.56 8.09 -9.78
O2 PEG F . -14.16 8.03 -9.88
C3 PEG F . -13.70 8.14 -11.21
C4 PEG F . -12.21 7.91 -11.29
O4 PEG F . -11.78 7.95 -12.63
H11 PEG F . -16.96 6.62 -9.98
H12 PEG F . -15.52 6.04 -9.82
HO1 PEG F . -15.59 6.59 -7.72
H21 PEG F . -15.83 8.69 -9.07
H22 PEG F . -15.96 8.41 -10.60
H31 PEG F . -13.90 9.02 -11.56
H32 PEG F . -14.16 7.50 -11.78
H41 PEG F . -12.03 7.05 -10.86
H42 PEG F . -11.78 8.59 -10.74
HO4 PEG F . -10.95 7.86 -12.64
#